data_4FID
#
_entry.id   4FID
#
_cell.length_a   56.671
_cell.length_b   57.174
_cell.length_c   231.289
_cell.angle_alpha   90.00
_cell.angle_beta   90.00
_cell.angle_gamma   90.00
#
_symmetry.space_group_name_H-M   'P 21 21 21'
#
loop_
_entity.id
_entity.type
_entity.pdbx_description
1 polymer 'G protein alpha subunit'
2 non-polymer "GUANOSINE-5'-DIPHOSPHATE"
3 water water
#
_entity_poly.entity_id   1
_entity_poly.type   'polypeptide(L)'
_entity_poly.pdbx_seq_one_letter_code
;SNAKPITV(MSE)LLGSGESGKSTIAKQLKILFGGGFPEQERATHKSSICSNVVTC(MSE)RTLIEQSAILNHP(MSE)K
YQPKSKEFTTEDPVTLPFSPELVGDVEALWADEGIQATYEESAKFQLPDCAKYLFENVKRIA(MSE)EDYVPTEEDLIHN
RTKTTGIHEYDFVVKDIPFHLIDVGGQRSERK(MLY)WVSFFSDVDCAIFVTSLAEYD(MSE)KLYEDGNTSRLTESIAV
FKDI(MSE)TNEFLKGAVKLIFLNK(MSE)DLFEEKLTKVPLNTIFPEYTGGDNAV(MSE)GAQYIQQLFTGKLQTEE
(MSE)NISGADGTANIEGAVNEKVYTNPTNATDGSNIKRVF(MSE)LAVDVI(MSE)KN(MSE)AANGK(MSE)RPTK
;
_entity_poly.pdbx_strand_id   A,B
#
# COMPACT_ATOMS: atom_id res chain seq x y z
N LYS A 4 23.46 -16.98 -36.62
CA LYS A 4 22.29 -16.48 -35.90
C LYS A 4 21.95 -17.29 -34.64
N PRO A 5 21.64 -16.59 -33.53
CA PRO A 5 21.47 -17.20 -32.20
C PRO A 5 20.23 -18.08 -32.11
N ILE A 6 20.27 -19.07 -31.23
CA ILE A 6 19.11 -19.87 -30.92
C ILE A 6 18.13 -19.03 -30.09
N THR A 7 16.88 -18.97 -30.56
CA THR A 7 15.89 -18.13 -29.94
C THR A 7 14.94 -18.90 -29.02
N VAL A 8 14.75 -18.37 -27.83
CA VAL A 8 13.93 -19.02 -26.83
C VAL A 8 12.96 -18.01 -26.29
N LEU A 10 10.01 -17.23 -23.43
CA LEU A 10 9.35 -17.62 -22.17
C LEU A 10 7.93 -17.11 -22.13
N LEU A 11 6.98 -18.04 -21.97
CA LEU A 11 5.57 -17.73 -21.73
C LEU A 11 5.14 -18.22 -20.36
N GLY A 12 4.07 -17.66 -19.83
CA GLY A 12 3.47 -18.24 -18.66
C GLY A 12 2.36 -17.40 -18.15
N SER A 13 1.66 -17.87 -17.12
CA SER A 13 0.72 -17.04 -16.39
C SER A 13 1.48 -16.16 -15.42
N GLY A 14 0.74 -15.47 -14.56
CA GLY A 14 1.35 -14.63 -13.57
C GLY A 14 1.73 -15.41 -12.33
N GLU A 15 2.89 -15.11 -11.79
CA GLU A 15 3.40 -15.78 -10.59
C GLU A 15 3.69 -17.23 -10.88
N SER A 16 4.12 -17.48 -12.11
CA SER A 16 4.60 -18.79 -12.48
C SER A 16 6.10 -18.88 -12.18
N GLY A 17 6.71 -17.72 -11.92
CA GLY A 17 8.14 -17.61 -11.74
C GLY A 17 8.93 -17.51 -13.03
N LYS A 18 8.28 -17.19 -14.14
CA LYS A 18 9.00 -17.16 -15.42
C LYS A 18 10.02 -16.03 -15.47
N SER A 19 9.72 -14.95 -14.76
CA SER A 19 10.63 -13.80 -14.67
C SER A 19 11.86 -14.15 -13.82
N THR A 20 11.66 -15.00 -12.82
CA THR A 20 12.78 -15.49 -12.02
C THR A 20 13.68 -16.40 -12.85
N ILE A 21 13.09 -17.22 -13.71
CA ILE A 21 13.88 -18.02 -14.61
C ILE A 21 14.77 -17.14 -15.50
N ALA A 22 14.21 -16.05 -16.03
CA ALA A 22 14.92 -15.16 -16.93
C ALA A 22 16.10 -14.44 -16.27
N LYS A 23 15.91 -13.99 -15.03
CA LYS A 23 16.99 -13.38 -14.28
C LYS A 23 18.08 -14.42 -13.98
N GLN A 24 17.63 -15.64 -13.72
CA GLN A 24 18.53 -16.71 -13.37
C GLN A 24 19.45 -17.07 -14.53
N LEU A 25 18.95 -16.97 -15.75
CA LEU A 25 19.74 -17.31 -16.94
C LEU A 25 20.67 -16.17 -17.27
N LYS A 26 20.24 -14.93 -16.99
CA LYS A 26 21.15 -13.81 -17.16
C LYS A 26 22.31 -13.93 -16.16
N ILE A 27 22.02 -14.35 -14.92
CA ILE A 27 23.08 -14.55 -13.94
C ILE A 27 24.03 -15.66 -14.38
N LEU A 28 23.46 -16.78 -14.83
CA LEU A 28 24.24 -17.99 -15.13
C LEU A 28 25.01 -17.90 -16.44
N PHE A 29 24.44 -17.24 -17.44
CA PHE A 29 25.05 -17.26 -18.75
C PHE A 29 25.26 -15.87 -19.34
N GLY A 30 24.43 -14.91 -18.91
CA GLY A 30 24.63 -13.53 -19.31
C GLY A 30 25.74 -12.95 -18.43
N GLY A 31 25.74 -11.64 -18.21
CA GLY A 31 26.72 -11.06 -17.32
C GLY A 31 26.20 -10.70 -15.94
N GLY A 32 25.10 -11.32 -15.55
CA GLY A 32 24.49 -10.93 -14.30
C GLY A 32 24.05 -9.48 -14.34
N PHE A 33 23.85 -8.91 -13.17
CA PHE A 33 23.38 -7.54 -13.05
C PHE A 33 24.41 -6.69 -12.34
N PRO A 34 24.82 -5.60 -13.00
CA PRO A 34 25.78 -4.64 -12.45
C PRO A 34 25.19 -3.82 -11.33
N GLU A 35 26.06 -3.31 -10.47
CA GLU A 35 25.64 -2.59 -9.29
C GLU A 35 24.55 -1.57 -9.53
N GLN A 36 24.64 -0.79 -10.61
CA GLN A 36 23.64 0.28 -10.79
C GLN A 36 22.27 -0.26 -11.17
N GLU A 37 22.22 -1.37 -11.89
CA GLU A 37 20.94 -2.01 -12.19
C GLU A 37 20.32 -2.59 -10.92
N ARG A 38 21.14 -3.31 -10.15
CA ARG A 38 20.71 -3.83 -8.87
C ARG A 38 20.16 -2.76 -7.91
N ALA A 39 20.83 -1.61 -7.82
CA ALA A 39 20.44 -0.61 -6.85
C ALA A 39 19.05 -0.04 -7.10
N THR A 40 18.55 -0.16 -8.34
CA THR A 40 17.17 0.25 -8.63
C THR A 40 16.10 -0.56 -7.85
N HIS A 41 16.46 -1.74 -7.36
CA HIS A 41 15.48 -2.56 -6.65
C HIS A 41 15.39 -2.32 -5.13
N LYS A 42 16.17 -1.38 -4.63
CA LYS A 42 16.28 -1.15 -3.20
C LYS A 42 14.93 -0.80 -2.56
N SER A 43 14.14 0.02 -3.22
CA SER A 43 12.91 0.51 -2.58
C SER A 43 11.84 -0.54 -2.48
N SER A 44 11.69 -1.33 -3.53
CA SER A 44 10.64 -2.32 -3.51
C SER A 44 11.02 -3.44 -2.55
N ILE A 45 12.30 -3.78 -2.49
CA ILE A 45 12.73 -4.78 -1.53
C ILE A 45 12.53 -4.28 -0.10
N CYS A 46 12.95 -3.05 0.16
CA CYS A 46 12.76 -2.49 1.49
C CYS A 46 11.26 -2.37 1.84
N SER A 47 10.45 -1.98 0.87
CA SER A 47 9.01 -1.93 1.04
C SER A 47 8.38 -3.31 1.35
N ASN A 48 8.75 -4.31 0.55
CA ASN A 48 8.28 -5.68 0.76
C ASN A 48 8.58 -6.23 2.17
N VAL A 49 9.69 -5.80 2.77
CA VAL A 49 10.03 -6.26 4.11
C VAL A 49 8.90 -5.88 5.04
N VAL A 50 8.46 -4.63 4.97
CA VAL A 50 7.44 -4.12 5.88
C VAL A 50 6.04 -4.61 5.52
N THR A 51 5.67 -4.53 4.25
CA THR A 51 4.31 -4.90 3.86
C THR A 51 4.02 -6.39 4.10
N CYS A 52 4.99 -7.26 3.79
CA CYS A 52 4.84 -8.69 4.08
C CYS A 52 4.64 -8.98 5.56
N ARG A 54 3.41 -6.62 7.88
CA ARG A 54 2.09 -6.08 8.18
C ARG A 54 1.04 -7.14 7.88
N THR A 55 1.17 -7.78 6.72
CA THR A 55 0.27 -8.88 6.30
C THR A 55 0.14 -9.95 7.38
N LEU A 56 1.26 -10.44 7.90
CA LEU A 56 1.24 -11.48 8.92
C LEU A 56 0.62 -10.97 10.23
N ILE A 57 0.97 -9.76 10.65
CA ILE A 57 0.33 -9.17 11.83
C ILE A 57 -1.20 -9.11 11.69
N GLU A 58 -1.66 -8.54 10.58
CA GLU A 58 -3.10 -8.51 10.26
C GLU A 58 -3.73 -9.91 10.23
N GLN A 59 -3.12 -10.83 9.49
CA GLN A 59 -3.58 -12.22 9.49
C GLN A 59 -3.55 -12.88 10.87
N SER A 60 -2.62 -12.54 11.74
CA SER A 60 -2.61 -13.20 13.05
C SER A 60 -3.86 -12.81 13.85
N ALA A 61 -4.45 -11.67 13.53
CA ALA A 61 -5.65 -11.19 14.19
C ALA A 61 -6.88 -11.90 13.63
N ILE A 62 -6.97 -11.90 12.31
CA ILE A 62 -8.02 -12.61 11.60
C ILE A 62 -8.07 -14.12 11.96
N LEU A 63 -6.93 -14.71 12.30
CA LEU A 63 -6.86 -16.16 12.55
C LEU A 63 -6.61 -16.52 14.03
N ASN A 64 -6.75 -15.55 14.92
CA ASN A 64 -6.67 -15.83 16.36
C ASN A 64 -5.42 -16.62 16.76
N HIS A 65 -4.25 -16.05 16.49
CA HIS A 65 -3.00 -16.53 17.06
C HIS A 65 -2.36 -15.37 17.82
N PRO A 66 -2.72 -15.22 19.10
CA PRO A 66 -2.20 -14.06 19.83
C PRO A 66 -0.68 -13.90 19.78
N LYS A 68 2.89 -12.42 21.52
CA LYS A 68 3.57 -12.01 22.73
C LYS A 68 4.19 -10.64 22.48
N TYR A 69 4.94 -10.53 21.39
CA TYR A 69 5.70 -9.31 21.11
C TYR A 69 4.82 -8.17 20.64
N GLN A 70 5.21 -6.95 21.00
CA GLN A 70 4.48 -5.75 20.57
C GLN A 70 5.45 -4.75 19.93
N PRO A 71 5.30 -4.51 18.61
CA PRO A 71 6.15 -3.62 17.83
C PRO A 71 6.23 -2.22 18.40
N LYS A 72 7.43 -1.67 18.43
CA LYS A 72 7.66 -0.32 18.92
C LYS A 72 7.67 0.69 17.75
N SER A 73 8.27 0.27 16.65
CA SER A 73 8.59 1.15 15.53
C SER A 73 7.41 1.84 14.81
N LYS A 74 7.72 3.02 14.29
CA LYS A 74 6.84 3.80 13.42
C LYS A 74 6.17 2.95 12.37
N GLU A 75 6.95 2.02 11.80
CA GLU A 75 6.51 1.25 10.63
C GLU A 75 5.29 0.35 10.83
N PHE A 76 5.12 -0.16 12.05
CA PHE A 76 4.01 -1.06 12.36
C PHE A 76 2.91 -0.41 13.20
N THR A 77 2.75 0.91 13.07
CA THR A 77 1.64 1.63 13.69
C THR A 77 0.82 2.38 12.63
N THR A 78 1.02 2.01 11.36
CA THR A 78 0.48 2.76 10.23
C THR A 78 0.22 1.88 8.99
N GLU A 79 -0.68 2.35 8.13
CA GLU A 79 -0.94 1.70 6.85
C GLU A 79 -0.32 2.49 5.69
N ASP A 80 0.33 3.61 6.04
CA ASP A 80 0.95 4.48 5.05
C ASP A 80 2.02 3.74 4.27
N PRO A 81 2.27 4.18 3.02
CA PRO A 81 3.41 3.67 2.27
C PRO A 81 4.68 3.71 3.13
N VAL A 82 5.72 2.99 2.72
CA VAL A 82 6.91 2.90 3.54
C VAL A 82 7.96 3.94 3.14
N THR A 83 8.45 4.67 4.14
CA THR A 83 9.38 5.77 3.91
C THR A 83 10.74 5.26 3.39
N LEU A 84 11.74 6.13 3.37
CA LEU A 84 13.00 5.80 2.69
C LEU A 84 14.09 5.12 3.53
N PRO A 85 14.46 5.74 4.67
CA PRO A 85 15.39 5.03 5.57
C PRO A 85 14.53 4.53 6.73
N PHE A 86 14.69 3.25 7.07
CA PHE A 86 13.94 2.63 8.15
C PHE A 86 14.24 3.32 9.48
N SER A 87 13.24 3.37 10.35
CA SER A 87 13.45 3.81 11.73
C SER A 87 14.42 2.84 12.39
N PRO A 88 15.16 3.31 13.39
CA PRO A 88 16.20 2.48 14.02
C PRO A 88 15.66 1.18 14.61
N GLU A 89 14.41 1.20 15.05
CA GLU A 89 13.80 0.04 15.69
C GLU A 89 13.15 -0.96 14.73
N LEU A 90 13.11 -0.62 13.44
CA LEU A 90 12.50 -1.51 12.47
C LEU A 90 13.20 -2.87 12.48
N VAL A 91 14.49 -2.88 12.23
CA VAL A 91 15.24 -4.14 12.25
C VAL A 91 14.88 -5.01 13.46
N GLY A 92 14.91 -4.40 14.64
CA GLY A 92 14.80 -5.14 15.86
C GLY A 92 13.47 -5.85 15.97
N ASP A 93 12.39 -5.17 15.65
CA ASP A 93 11.11 -5.81 15.85
C ASP A 93 10.66 -6.70 14.69
N VAL A 94 11.27 -6.53 13.52
CA VAL A 94 11.13 -7.56 12.50
C VAL A 94 11.68 -8.91 13.01
N GLU A 95 12.82 -8.89 13.70
CA GLU A 95 13.43 -10.13 14.19
C GLU A 95 12.64 -10.77 15.33
N ALA A 96 12.18 -9.94 16.26
CA ALA A 96 11.30 -10.39 17.33
C ALA A 96 9.97 -10.91 16.79
N LEU A 97 9.36 -10.14 15.88
CA LEU A 97 8.12 -10.56 15.27
C LEU A 97 8.24 -11.94 14.62
N TRP A 98 9.27 -12.13 13.81
CA TRP A 98 9.43 -13.37 13.05
C TRP A 98 9.69 -14.55 14.00
N ALA A 99 10.18 -14.26 15.19
CA ALA A 99 10.43 -15.31 16.19
C ALA A 99 9.26 -15.49 17.17
N ASP A 100 8.25 -14.64 17.06
CA ASP A 100 7.10 -14.68 17.94
C ASP A 100 6.20 -15.87 17.59
N GLU A 101 5.71 -16.56 18.62
CA GLU A 101 4.90 -17.77 18.43
C GLU A 101 3.67 -17.55 17.55
N GLY A 102 2.99 -16.43 17.72
CA GLY A 102 1.73 -16.19 17.02
C GLY A 102 1.91 -15.91 15.55
N ILE A 103 3.00 -15.21 15.22
CA ILE A 103 3.36 -14.90 13.86
C ILE A 103 3.77 -16.19 13.12
N GLN A 104 4.58 -17.00 13.79
CA GLN A 104 4.98 -18.27 13.22
C GLN A 104 3.77 -19.17 12.92
N ALA A 105 2.83 -19.26 13.87
CA ALA A 105 1.59 -19.99 13.67
C ALA A 105 0.78 -19.45 12.47
N THR A 106 0.81 -18.14 12.29
CA THR A 106 0.08 -17.49 11.20
C THR A 106 0.77 -17.76 9.88
N TYR A 107 2.11 -17.80 9.92
CA TYR A 107 2.88 -18.08 8.72
C TYR A 107 2.59 -19.49 8.19
N GLU A 108 2.44 -20.44 9.11
CA GLU A 108 2.11 -21.82 8.75
C GLU A 108 0.70 -21.97 8.14
N GLU A 109 -0.17 -20.99 8.35
CA GLU A 109 -1.48 -21.02 7.72
C GLU A 109 -1.48 -20.18 6.43
N SER A 110 -0.28 -19.97 5.89
CA SER A 110 -0.06 -19.22 4.67
C SER A 110 -1.04 -19.57 3.55
N ALA A 111 -1.57 -20.79 3.57
CA ALA A 111 -2.67 -21.18 2.69
C ALA A 111 -3.95 -21.36 3.51
N LYS A 112 -4.78 -20.33 3.52
CA LYS A 112 -4.47 -19.17 2.69
C LYS A 112 -4.85 -17.80 3.24
N PHE A 113 -3.93 -16.88 3.01
CA PHE A 113 -4.23 -15.51 2.70
C PHE A 113 -3.20 -15.38 1.60
N GLN A 114 -2.90 -14.17 1.15
CA GLN A 114 -1.96 -14.02 0.04
C GLN A 114 -0.67 -13.43 0.54
N LEU A 115 0.30 -14.30 0.82
CA LEU A 115 1.61 -13.86 1.24
C LEU A 115 2.66 -14.13 0.14
N PRO A 116 3.30 -13.05 -0.34
CA PRO A 116 4.35 -13.22 -1.36
C PRO A 116 5.38 -14.30 -0.98
N ASP A 117 5.83 -15.08 -1.94
CA ASP A 117 6.79 -16.16 -1.70
C ASP A 117 8.09 -15.68 -1.02
N CYS A 118 8.42 -14.40 -1.20
CA CYS A 118 9.71 -13.90 -0.78
C CYS A 118 9.76 -13.52 0.70
N ALA A 119 8.64 -13.71 1.41
CA ALA A 119 8.49 -13.20 2.77
C ALA A 119 9.59 -13.67 3.73
N LYS A 120 9.68 -14.98 3.92
CA LYS A 120 10.69 -15.58 4.79
C LYS A 120 12.10 -15.15 4.41
N TYR A 121 12.41 -15.13 3.11
CA TYR A 121 13.73 -14.68 2.69
C TYR A 121 13.98 -13.26 3.16
N LEU A 122 13.02 -12.37 2.95
CA LEU A 122 13.19 -10.98 3.39
C LEU A 122 13.49 -10.89 4.88
N PHE A 123 12.70 -11.57 5.71
CA PHE A 123 12.90 -11.58 7.15
C PHE A 123 14.28 -12.12 7.56
N GLU A 124 14.69 -13.25 6.99
CA GLU A 124 15.98 -13.80 7.35
C GLU A 124 17.15 -12.92 6.92
N ASN A 125 16.86 -11.93 6.09
CA ASN A 125 17.91 -11.08 5.54
C ASN A 125 17.79 -9.63 5.97
N VAL A 126 16.93 -9.40 6.97
CA VAL A 126 16.59 -8.03 7.40
C VAL A 126 17.77 -7.21 7.95
N LYS A 127 18.65 -7.84 8.71
CA LYS A 127 19.84 -7.15 9.24
C LYS A 127 20.64 -6.52 8.10
N ARG A 128 20.73 -7.22 6.97
CA ARG A 128 21.50 -6.72 5.84
C ARG A 128 20.72 -5.76 4.93
N ILE A 129 19.40 -5.90 4.88
CA ILE A 129 18.56 -5.05 4.01
C ILE A 129 18.33 -3.69 4.66
N ALA A 130 18.30 -3.68 5.99
CA ALA A 130 17.99 -2.49 6.74
C ALA A 130 19.19 -1.61 7.01
N GLU A 132 22.10 1.15 6.15
CA GLU A 132 21.97 2.43 5.47
C GLU A 132 22.57 2.42 4.06
N ASP A 133 23.66 1.69 3.87
CA ASP A 133 24.35 1.69 2.59
C ASP A 133 24.00 0.48 1.72
N TYR A 134 23.00 -0.29 2.18
CA TYR A 134 22.60 -1.54 1.54
C TYR A 134 22.35 -1.42 0.05
N VAL A 135 23.05 -2.24 -0.73
CA VAL A 135 22.77 -2.38 -2.15
C VAL A 135 22.39 -3.85 -2.39
N PRO A 136 21.24 -4.09 -3.05
CA PRO A 136 20.75 -5.45 -3.30
C PRO A 136 21.76 -6.30 -4.04
N THR A 137 21.83 -7.58 -3.69
CA THR A 137 22.67 -8.53 -4.39
C THR A 137 21.85 -9.25 -5.47
N GLU A 138 22.53 -9.98 -6.36
CA GLU A 138 21.82 -10.76 -7.38
C GLU A 138 20.88 -11.76 -6.75
N GLU A 139 21.23 -12.23 -5.55
CA GLU A 139 20.38 -13.22 -4.90
C GLU A 139 19.07 -12.55 -4.41
N ASP A 140 19.17 -11.33 -3.89
CA ASP A 140 17.98 -10.57 -3.55
C ASP A 140 17.07 -10.43 -4.76
N LEU A 141 17.64 -10.11 -5.92
CA LEU A 141 16.82 -9.90 -7.12
C LEU A 141 16.12 -11.19 -7.54
N ILE A 142 16.76 -12.34 -7.30
CA ILE A 142 16.16 -13.63 -7.60
C ILE A 142 14.91 -13.83 -6.76
N HIS A 143 15.00 -13.47 -5.48
CA HIS A 143 13.93 -13.77 -4.52
C HIS A 143 12.87 -12.71 -4.42
N ASN A 144 13.15 -11.51 -4.90
CA ASN A 144 12.18 -10.46 -4.72
C ASN A 144 11.09 -10.47 -5.77
N ARG A 145 9.90 -10.08 -5.35
CA ARG A 145 8.77 -10.00 -6.25
C ARG A 145 8.82 -8.71 -7.08
N THR A 146 8.84 -8.85 -8.40
CA THR A 146 8.63 -7.69 -9.28
C THR A 146 7.59 -7.99 -10.36
N LYS A 147 6.92 -6.95 -10.81
CA LYS A 147 5.96 -7.06 -11.91
C LYS A 147 6.64 -6.73 -13.23
N THR A 148 6.93 -7.74 -14.04
CA THR A 148 7.51 -7.45 -15.36
C THR A 148 6.41 -7.23 -16.40
N THR A 149 5.96 -5.97 -16.52
CA THR A 149 5.08 -5.62 -17.62
C THR A 149 5.92 -5.90 -18.84
N GLY A 150 5.31 -6.60 -19.79
CA GLY A 150 6.05 -7.62 -20.51
C GLY A 150 6.63 -7.46 -21.90
N ILE A 151 7.92 -7.16 -21.95
CA ILE A 151 8.71 -7.55 -23.10
C ILE A 151 10.19 -7.34 -22.82
N HIS A 152 10.85 -8.42 -22.43
CA HIS A 152 12.27 -8.35 -22.09
C HIS A 152 13.07 -9.26 -22.99
N GLU A 153 14.12 -8.71 -23.59
CA GLU A 153 15.00 -9.48 -24.46
C GLU A 153 16.37 -9.52 -23.84
N TYR A 154 17.09 -10.61 -24.06
CA TYR A 154 18.55 -10.57 -23.94
C TYR A 154 19.26 -11.79 -24.49
N ASP A 155 20.58 -11.67 -24.58
CA ASP A 155 21.41 -12.73 -25.13
C ASP A 155 22.29 -13.30 -24.03
N PHE A 156 22.48 -14.62 -24.09
CA PHE A 156 23.52 -15.27 -23.32
C PHE A 156 24.26 -16.28 -24.21
N VAL A 157 25.20 -17.00 -23.63
CA VAL A 157 25.93 -18.06 -24.32
C VAL A 157 25.90 -19.27 -23.40
N VAL A 158 25.77 -20.46 -23.96
CA VAL A 158 25.90 -21.67 -23.15
C VAL A 158 26.75 -22.71 -23.86
N LYS A 159 27.89 -23.03 -23.24
CA LYS A 159 28.86 -23.96 -23.82
C LYS A 159 29.23 -23.52 -25.24
N ASP A 160 29.49 -22.22 -25.39
CA ASP A 160 29.89 -21.63 -26.67
C ASP A 160 28.85 -21.83 -27.78
N ILE A 161 27.69 -21.20 -27.58
CA ILE A 161 26.56 -21.25 -28.50
C ILE A 161 25.71 -20.06 -28.10
N PRO A 162 25.39 -19.19 -29.07
CA PRO A 162 24.60 -17.98 -28.80
C PRO A 162 23.10 -18.23 -28.62
N PHE A 163 22.52 -17.71 -27.53
CA PHE A 163 21.09 -17.76 -27.30
C PHE A 163 20.46 -16.37 -27.20
N HIS A 164 19.21 -16.26 -27.63
CA HIS A 164 18.46 -15.03 -27.47
C HIS A 164 17.15 -15.34 -26.76
N LEU A 165 16.90 -14.62 -25.67
CA LEU A 165 15.80 -14.95 -24.78
C LEU A 165 14.75 -13.85 -24.90
N ILE A 166 13.52 -14.24 -25.21
CA ILE A 166 12.41 -13.28 -25.28
C ILE A 166 11.43 -13.59 -24.16
N ASP A 167 11.35 -12.68 -23.19
CA ASP A 167 10.49 -12.88 -22.02
C ASP A 167 9.18 -12.10 -22.21
N VAL A 168 8.09 -12.81 -22.50
CA VAL A 168 6.82 -12.16 -22.79
C VAL A 168 5.95 -12.05 -21.55
N GLY A 169 5.71 -10.84 -21.07
CA GLY A 169 4.87 -10.64 -19.91
C GLY A 169 3.51 -10.04 -20.28
N GLY A 170 3.01 -9.12 -19.46
CA GLY A 170 1.77 -8.40 -19.74
C GLY A 170 0.48 -9.19 -19.61
N GLN A 171 -0.64 -8.51 -19.85
CA GLN A 171 -1.95 -9.14 -19.79
C GLN A 171 -2.06 -10.17 -20.89
N ARG A 172 -2.93 -11.15 -20.72
CA ARG A 172 -3.12 -12.17 -21.74
C ARG A 172 -3.32 -11.49 -23.09
N SER A 173 -3.91 -10.30 -23.05
CA SER A 173 -4.28 -9.59 -24.27
C SER A 173 -3.10 -9.03 -25.05
N GLU A 174 -2.01 -8.70 -24.36
CA GLU A 174 -0.84 -8.18 -25.05
C GLU A 174 0.16 -9.30 -25.34
N ARG A 175 0.23 -10.28 -24.43
CA ARG A 175 0.97 -11.51 -24.70
C ARG A 175 0.66 -12.04 -26.11
N LYS A 176 -0.63 -12.12 -26.47
CA LYS A 176 -1.03 -12.48 -27.83
C LYS A 176 -0.37 -11.66 -28.93
N TRP A 178 2.52 -10.04 -28.90
CA TRP A 178 3.95 -10.33 -29.04
C TRP A 178 4.27 -11.72 -29.63
N VAL A 179 3.51 -12.74 -29.25
CA VAL A 179 3.78 -14.07 -29.73
C VAL A 179 3.92 -14.10 -31.25
N SER A 180 3.01 -13.42 -31.96
CA SER A 180 3.01 -13.40 -33.42
C SER A 180 3.93 -12.36 -34.05
N PHE A 181 4.55 -11.53 -33.21
CA PHE A 181 5.44 -10.49 -33.72
C PHE A 181 6.81 -11.10 -33.96
N PHE A 182 7.23 -11.96 -33.05
CA PHE A 182 8.52 -12.63 -33.17
C PHE A 182 8.48 -13.79 -34.17
N SER A 183 9.33 -13.69 -35.19
CA SER A 183 9.42 -14.71 -36.22
C SER A 183 10.59 -15.65 -35.97
N ASP A 184 10.42 -16.91 -36.37
CA ASP A 184 11.51 -17.88 -36.32
C ASP A 184 11.97 -18.15 -34.89
N VAL A 185 11.01 -18.48 -34.02
CA VAL A 185 11.33 -18.88 -32.65
C VAL A 185 11.65 -20.38 -32.63
N ASP A 186 12.82 -20.73 -32.10
CA ASP A 186 13.24 -22.13 -32.15
C ASP A 186 12.59 -22.96 -31.05
N CYS A 187 12.35 -22.32 -29.92
CA CYS A 187 11.84 -22.99 -28.75
C CYS A 187 10.93 -22.09 -27.91
N ALA A 188 9.79 -22.63 -27.51
CA ALA A 188 8.88 -21.92 -26.64
C ALA A 188 8.86 -22.64 -25.29
N ILE A 189 9.21 -21.94 -24.23
CA ILE A 189 9.18 -22.55 -22.91
C ILE A 189 7.99 -22.03 -22.10
N PHE A 190 7.07 -22.91 -21.75
CA PHE A 190 5.92 -22.52 -20.93
C PHE A 190 6.19 -22.81 -19.46
N VAL A 191 6.12 -21.78 -18.62
CA VAL A 191 6.34 -21.92 -17.20
C VAL A 191 5.02 -21.88 -16.46
N THR A 192 4.88 -22.77 -15.49
CA THR A 192 3.70 -22.77 -14.64
C THR A 192 4.07 -23.13 -13.19
N SER A 193 3.32 -22.56 -12.26
CA SER A 193 3.55 -22.76 -10.85
C SER A 193 2.78 -23.98 -10.42
N LEU A 194 3.49 -24.94 -9.81
CA LEU A 194 2.81 -26.11 -9.30
C LEU A 194 2.01 -25.76 -8.06
N ALA A 195 2.47 -24.75 -7.33
CA ALA A 195 1.85 -24.48 -6.04
C ALA A 195 0.50 -23.74 -6.13
N GLU A 196 0.04 -23.48 -7.35
CA GLU A 196 -1.21 -22.75 -7.57
C GLU A 196 -2.41 -23.67 -7.75
N TYR A 197 -2.22 -24.98 -7.57
CA TYR A 197 -3.31 -25.93 -7.79
C TYR A 197 -4.58 -25.65 -6.95
N ASP A 198 -4.46 -24.91 -5.86
CA ASP A 198 -5.61 -24.67 -4.99
C ASP A 198 -6.11 -23.23 -5.00
N LYS A 200 -8.14 -19.85 -6.38
CA LYS A 200 -9.30 -19.46 -7.17
C LYS A 200 -9.10 -18.09 -7.83
N LEU A 201 -10.14 -17.58 -8.49
CA LEU A 201 -9.99 -16.39 -9.32
C LEU A 201 -11.24 -15.55 -9.47
N TYR A 202 -12.03 -15.85 -10.51
CA TYR A 202 -13.18 -15.02 -10.90
C TYR A 202 -12.92 -13.53 -10.74
N GLY A 205 -13.81 -15.03 -16.55
CA GLY A 205 -14.05 -16.23 -17.33
C GLY A 205 -13.65 -17.51 -16.63
N ASN A 206 -12.38 -17.62 -16.27
CA ASN A 206 -11.88 -18.78 -15.54
C ASN A 206 -12.19 -18.74 -14.05
N THR A 207 -12.28 -19.92 -13.45
CA THR A 207 -12.64 -20.05 -12.05
C THR A 207 -11.40 -20.14 -11.16
N SER A 208 -10.37 -20.82 -11.67
CA SER A 208 -9.18 -21.08 -10.89
C SER A 208 -7.93 -20.69 -11.65
N ARG A 209 -6.81 -20.54 -10.93
CA ARG A 209 -5.53 -20.28 -11.55
C ARG A 209 -5.10 -21.43 -12.45
N LEU A 210 -5.43 -22.65 -12.03
CA LEU A 210 -4.98 -23.84 -12.73
C LEU A 210 -5.58 -23.95 -14.13
N THR A 211 -6.89 -23.77 -14.21
CA THR A 211 -7.59 -23.80 -15.50
C THR A 211 -7.22 -22.62 -16.40
N GLU A 212 -6.97 -21.47 -15.81
CA GLU A 212 -6.43 -20.36 -16.57
C GLU A 212 -5.03 -20.67 -17.17
N SER A 213 -4.12 -21.28 -16.39
CA SER A 213 -2.83 -21.65 -16.97
C SER A 213 -2.97 -22.67 -18.08
N ILE A 214 -3.83 -23.65 -17.85
CA ILE A 214 -3.96 -24.77 -18.77
C ILE A 214 -4.40 -24.25 -20.13
N ALA A 215 -5.37 -23.35 -20.12
CA ALA A 215 -5.90 -22.82 -21.37
C ALA A 215 -4.84 -21.96 -22.08
N VAL A 216 -4.01 -21.25 -21.32
CA VAL A 216 -2.90 -20.55 -21.93
C VAL A 216 -2.01 -21.53 -22.67
N PHE A 217 -1.59 -22.57 -21.98
CA PHE A 217 -0.78 -23.60 -22.61
C PHE A 217 -1.42 -24.22 -23.87
N LYS A 218 -2.70 -24.58 -23.79
CA LYS A 218 -3.44 -25.09 -24.96
C LYS A 218 -3.40 -24.12 -26.15
N ASP A 219 -3.36 -22.83 -25.87
CA ASP A 219 -3.10 -21.85 -26.92
C ASP A 219 -1.78 -22.10 -27.60
N ILE A 220 -0.71 -22.11 -26.80
CA ILE A 220 0.64 -22.29 -27.33
C ILE A 220 0.67 -23.52 -28.25
N THR A 222 -1.47 -24.81 -30.10
CA THR A 222 -2.14 -24.70 -31.38
C THR A 222 -1.83 -23.39 -32.13
N ASN A 223 -1.06 -22.51 -31.50
CA ASN A 223 -0.72 -21.24 -32.11
C ASN A 223 0.08 -21.42 -33.40
N GLU A 224 -0.43 -20.89 -34.51
CA GLU A 224 0.20 -21.13 -35.80
C GLU A 224 1.55 -20.43 -36.01
N PHE A 225 1.82 -19.38 -35.24
CA PHE A 225 3.13 -18.73 -35.33
C PHE A 225 4.20 -19.51 -34.58
N LEU A 226 3.77 -20.40 -33.67
CA LEU A 226 4.69 -21.20 -32.90
C LEU A 226 4.87 -22.62 -33.43
N LYS A 227 4.30 -22.90 -34.60
CA LYS A 227 4.65 -24.15 -35.28
C LYS A 227 6.15 -24.12 -35.58
N GLY A 228 6.78 -25.27 -35.48
CA GLY A 228 8.20 -25.34 -35.73
C GLY A 228 8.99 -25.24 -34.45
N ALA A 229 8.41 -24.55 -33.45
CA ALA A 229 9.08 -24.39 -32.17
C ALA A 229 8.91 -25.59 -31.25
N VAL A 230 10.02 -26.04 -30.66
CA VAL A 230 10.00 -27.06 -29.62
C VAL A 230 9.23 -26.54 -28.42
N LYS A 231 8.40 -27.41 -27.84
CA LYS A 231 7.59 -27.00 -26.69
C LYS A 231 8.08 -27.67 -25.42
N LEU A 232 8.50 -26.85 -24.47
CA LEU A 232 8.96 -27.31 -23.17
C LEU A 232 8.05 -26.75 -22.10
N ILE A 233 7.87 -27.49 -21.01
CA ILE A 233 7.11 -26.97 -19.89
C ILE A 233 7.97 -27.04 -18.66
N PHE A 234 8.11 -25.91 -17.96
CA PHE A 234 8.78 -25.93 -16.67
C PHE A 234 7.71 -25.91 -15.61
N LEU A 235 7.62 -27.00 -14.88
CA LEU A 235 6.68 -27.07 -13.77
C LEU A 235 7.43 -26.48 -12.58
N ASN A 236 7.17 -25.22 -12.33
CA ASN A 236 8.03 -24.46 -11.44
C ASN A 236 7.51 -24.44 -10.00
N LYS A 237 8.42 -24.11 -9.09
CA LYS A 237 8.11 -24.04 -7.66
C LYS A 237 7.87 -25.42 -7.07
N ASP A 239 9.71 -26.97 -5.04
CA ASP A 239 9.97 -26.86 -3.59
C ASP A 239 8.71 -26.46 -2.81
N LEU A 240 8.06 -25.38 -3.25
CA LEU A 240 6.87 -24.85 -2.62
C LEU A 240 5.75 -25.87 -2.68
N PHE A 241 5.69 -26.57 -3.81
CA PHE A 241 4.66 -27.57 -4.01
C PHE A 241 4.78 -28.77 -3.05
N GLU A 242 5.99 -29.31 -2.88
CA GLU A 242 6.25 -30.41 -1.94
C GLU A 242 5.65 -30.09 -0.58
N GLU A 243 6.05 -28.93 -0.06
CA GLU A 243 5.69 -28.48 1.27
C GLU A 243 4.19 -28.23 1.36
N LYS A 244 3.65 -27.52 0.36
CA LYS A 244 2.25 -27.13 0.37
C LYS A 244 1.34 -28.34 0.42
N LEU A 245 1.77 -29.42 -0.22
CA LEU A 245 1.03 -30.66 -0.27
C LEU A 245 0.73 -31.23 1.12
N THR A 246 1.53 -30.85 2.11
CA THR A 246 1.35 -31.36 3.47
C THR A 246 0.31 -30.58 4.27
N LYS A 247 0.01 -29.35 3.85
CA LYS A 247 -1.05 -28.55 4.47
C LYS A 247 -2.36 -28.56 3.65
N VAL A 248 -2.24 -28.58 2.34
CA VAL A 248 -3.41 -28.69 1.47
C VAL A 248 -3.32 -29.91 0.55
N PRO A 249 -3.69 -31.09 1.05
CA PRO A 249 -3.55 -32.29 0.22
C PRO A 249 -4.25 -32.18 -1.14
N LEU A 250 -3.64 -32.78 -2.17
CA LEU A 250 -4.11 -32.68 -3.54
C LEU A 250 -5.52 -33.22 -3.72
N ASN A 251 -5.91 -34.20 -2.91
CA ASN A 251 -7.23 -34.79 -3.11
C ASN A 251 -8.34 -33.98 -2.47
N THR A 252 -7.99 -32.85 -1.86
CA THR A 252 -9.01 -31.89 -1.43
C THR A 252 -9.41 -30.99 -2.60
N ILE A 253 -8.67 -31.10 -3.70
CA ILE A 253 -8.91 -30.27 -4.85
C ILE A 253 -9.34 -31.17 -6.01
N PHE A 254 -8.66 -32.31 -6.14
CA PHE A 254 -9.06 -33.39 -7.05
C PHE A 254 -9.34 -34.67 -6.29
N PRO A 255 -10.59 -34.87 -5.84
CA PRO A 255 -10.91 -36.06 -5.05
C PRO A 255 -10.63 -37.37 -5.80
N GLU A 256 -10.57 -37.29 -7.13
CA GLU A 256 -10.25 -38.42 -8.00
C GLU A 256 -8.76 -38.68 -8.07
N TYR A 257 -8.05 -38.39 -6.99
CA TYR A 257 -6.60 -38.53 -6.96
C TYR A 257 -6.16 -39.35 -5.74
N THR A 258 -5.29 -40.32 -5.98
CA THR A 258 -4.96 -41.29 -4.96
C THR A 258 -3.48 -41.40 -4.61
N GLY A 259 -2.71 -40.35 -4.90
CA GLY A 259 -1.26 -40.39 -4.75
C GLY A 259 -0.73 -39.76 -3.47
N GLY A 260 -1.60 -39.07 -2.74
CA GLY A 260 -1.24 -38.55 -1.45
C GLY A 260 -0.06 -37.59 -1.39
N ASP A 261 0.76 -37.79 -0.37
CA ASP A 261 1.86 -36.90 -0.01
C ASP A 261 2.99 -36.88 -1.03
N ASN A 262 2.94 -37.79 -2.01
CA ASN A 262 4.01 -37.97 -2.99
C ASN A 262 4.10 -36.86 -4.05
N ALA A 263 5.07 -35.98 -3.88
CA ALA A 263 5.16 -34.78 -4.68
C ALA A 263 5.46 -35.09 -6.14
N VAL A 264 6.09 -36.25 -6.37
CA VAL A 264 6.40 -36.65 -7.74
C VAL A 264 5.13 -37.08 -8.46
N GLY A 266 2.18 -36.40 -7.63
CA GLY A 266 1.28 -35.25 -7.67
C GLY A 266 1.62 -34.27 -8.79
N ALA A 267 2.92 -34.11 -9.04
CA ALA A 267 3.35 -33.16 -10.07
C ALA A 267 3.01 -33.73 -11.42
N GLN A 268 3.10 -35.05 -11.55
CA GLN A 268 2.74 -35.76 -12.79
C GLN A 268 1.25 -35.63 -13.11
N TYR A 269 0.44 -35.73 -12.06
CA TYR A 269 -1.00 -35.59 -12.19
C TYR A 269 -1.35 -34.21 -12.76
N ILE A 270 -0.76 -33.18 -12.19
CA ILE A 270 -0.94 -31.85 -12.72
C ILE A 270 -0.36 -31.75 -14.15
N GLN A 271 0.84 -32.29 -14.35
CA GLN A 271 1.42 -32.24 -15.67
C GLN A 271 0.50 -32.87 -16.73
N GLN A 272 -0.08 -34.01 -16.40
CA GLN A 272 -0.94 -34.71 -17.35
C GLN A 272 -2.22 -33.93 -17.63
N LEU A 273 -2.65 -33.07 -16.70
CA LEU A 273 -3.80 -32.18 -16.98
C LEU A 273 -3.51 -31.13 -18.04
N PHE A 274 -2.26 -30.67 -18.14
CA PHE A 274 -1.83 -29.75 -19.20
C PHE A 274 -1.66 -30.46 -20.54
N THR A 275 -1.17 -31.69 -20.54
CA THR A 275 -0.73 -32.31 -21.78
C THR A 275 -1.70 -33.30 -22.45
N GLY A 276 -2.74 -33.74 -21.75
CA GLY A 276 -3.75 -34.62 -22.33
C GLY A 276 -3.16 -35.79 -23.12
N LYS A 277 -3.58 -35.93 -24.37
CA LYS A 277 -3.11 -37.02 -25.24
C LYS A 277 -1.79 -36.76 -25.97
N LEU A 278 -1.22 -35.58 -25.83
CA LEU A 278 0.07 -35.30 -26.50
C LEU A 278 1.14 -36.30 -26.07
N GLN A 279 2.07 -36.62 -26.95
CA GLN A 279 3.24 -37.40 -26.55
C GLN A 279 4.10 -36.50 -25.69
N THR A 280 4.63 -37.01 -24.59
CA THR A 280 5.46 -36.18 -23.72
C THR A 280 6.72 -36.89 -23.29
N GLU A 281 7.69 -36.11 -22.83
CA GLU A 281 8.97 -36.65 -22.43
C GLU A 281 9.56 -35.82 -21.29
N GLU A 282 9.82 -36.46 -20.14
CA GLU A 282 10.55 -35.78 -19.08
C GLU A 282 12.02 -35.75 -19.43
N ASN A 284 14.30 -35.25 -17.42
CA ASN A 284 14.94 -36.05 -16.37
C ASN A 284 14.71 -37.54 -16.60
N ILE A 285 15.23 -38.05 -17.72
CA ILE A 285 15.05 -39.45 -18.07
C ILE A 285 13.57 -39.85 -18.15
N GLU A 300 3.25 -34.54 -32.39
CA GLU A 300 3.87 -33.47 -31.62
C GLU A 300 4.18 -33.94 -30.20
N LYS A 301 5.35 -33.52 -29.70
CA LYS A 301 5.87 -34.01 -28.44
C LYS A 301 6.26 -32.86 -27.53
N VAL A 302 5.92 -32.96 -26.25
CA VAL A 302 6.18 -31.92 -25.27
C VAL A 302 7.19 -32.39 -24.22
N TYR A 303 8.24 -31.62 -24.02
CA TYR A 303 9.25 -31.98 -23.04
C TYR A 303 8.97 -31.28 -21.71
N THR A 304 9.05 -32.03 -20.60
CA THR A 304 8.68 -31.49 -19.30
C THR A 304 9.81 -31.65 -18.32
N ASN A 305 9.88 -30.72 -17.36
CA ASN A 305 10.78 -30.87 -16.24
C ASN A 305 10.32 -30.01 -15.10
N PRO A 306 10.38 -30.56 -13.89
CA PRO A 306 10.05 -29.67 -12.78
C PRO A 306 11.26 -28.79 -12.49
N THR A 307 10.99 -27.62 -11.92
CA THR A 307 12.05 -26.69 -11.61
C THR A 307 11.84 -25.95 -10.28
N ASN A 308 12.97 -25.48 -9.76
CA ASN A 308 12.98 -24.58 -8.63
C ASN A 308 13.81 -23.35 -9.04
N ALA A 309 13.10 -22.36 -9.59
CA ALA A 309 13.69 -21.15 -10.15
C ALA A 309 14.57 -20.30 -9.20
N THR A 310 14.41 -20.45 -7.90
CA THR A 310 15.23 -19.69 -6.95
C THR A 310 16.52 -20.45 -6.62
N ASP A 311 16.76 -21.55 -7.33
CA ASP A 311 17.94 -22.39 -7.13
C ASP A 311 18.82 -22.42 -8.39
N GLY A 312 19.84 -21.57 -8.40
CA GLY A 312 20.67 -21.35 -9.58
C GLY A 312 21.22 -22.64 -10.13
N SER A 313 21.69 -23.48 -9.21
CA SER A 313 22.20 -24.79 -9.54
C SER A 313 21.16 -25.64 -10.30
N ASN A 314 19.93 -25.69 -9.80
CA ASN A 314 18.83 -26.38 -10.48
C ASN A 314 18.56 -25.81 -11.89
N ILE A 315 18.42 -24.50 -12.02
CA ILE A 315 18.16 -23.94 -13.35
C ILE A 315 19.30 -24.16 -14.35
N LYS A 316 20.55 -24.13 -13.87
CA LYS A 316 21.70 -24.45 -14.72
C LYS A 316 21.64 -25.88 -15.25
N ARG A 317 21.48 -26.84 -14.35
CA ARG A 317 21.41 -28.23 -14.77
C ARG A 317 20.24 -28.45 -15.73
N VAL A 318 19.10 -27.85 -15.43
CA VAL A 318 17.90 -28.04 -16.25
C VAL A 318 17.94 -27.36 -17.62
N PHE A 319 18.46 -26.15 -17.70
CA PHE A 319 18.52 -25.51 -18.99
C PHE A 319 19.49 -26.23 -19.93
N LEU A 321 20.06 -29.71 -20.09
CA LEU A 321 19.24 -30.71 -20.74
C LEU A 321 18.46 -30.07 -21.88
N ALA A 322 17.88 -28.91 -21.60
CA ALA A 322 17.08 -28.20 -22.60
C ALA A 322 17.84 -27.87 -23.88
N VAL A 323 19.10 -27.47 -23.76
CA VAL A 323 19.88 -27.10 -24.94
C VAL A 323 20.03 -28.29 -25.87
N ASP A 324 20.27 -29.46 -25.28
CA ASP A 324 20.40 -30.66 -26.07
C ASP A 324 19.08 -30.95 -26.76
N VAL A 325 17.98 -30.91 -26.02
CA VAL A 325 16.67 -31.12 -26.65
C VAL A 325 16.43 -30.13 -27.81
N ILE A 326 16.75 -28.86 -27.60
CA ILE A 326 16.58 -27.86 -28.64
C ILE A 326 17.48 -28.17 -29.85
N LYS A 328 18.92 -31.16 -30.71
CA LYS A 328 18.56 -32.42 -31.36
C LYS A 328 17.39 -32.15 -32.29
N ASN A 329 16.37 -31.53 -31.72
CA ASN A 329 15.19 -31.20 -32.48
C ASN A 329 15.48 -30.40 -33.74
N ALA A 331 18.19 -30.10 -35.49
CA ALA A 331 18.89 -30.94 -36.47
C ALA A 331 17.88 -31.77 -37.25
N ALA A 332 16.99 -32.45 -36.54
CA ALA A 332 15.96 -33.26 -37.18
C ALA A 332 14.92 -32.46 -37.99
N ASN A 333 14.96 -31.14 -37.91
CA ASN A 333 13.99 -30.31 -38.61
C ASN A 333 14.65 -29.48 -39.70
N GLY A 334 15.90 -29.82 -40.00
CA GLY A 334 16.64 -29.11 -41.04
C GLY A 334 16.97 -27.66 -40.74
N LYS A 335 17.18 -27.33 -39.47
CA LYS A 335 17.65 -26.00 -39.09
C LYS A 335 18.95 -26.18 -38.31
N ARG A 337 22.76 -24.45 -36.16
CA ARG A 337 23.73 -23.46 -35.62
C ARG A 337 23.16 -22.54 -34.53
N PRO B 5 -6.58 41.65 -4.46
CA PRO B 5 -6.58 40.23 -4.04
C PRO B 5 -6.02 40.05 -2.62
N ILE B 6 -6.90 39.94 -1.64
CA ILE B 6 -6.49 39.67 -0.27
C ILE B 6 -5.94 38.24 -0.11
N THR B 7 -4.68 38.12 0.27
CA THR B 7 -4.08 36.78 0.43
C THR B 7 -4.05 36.28 1.88
N VAL B 8 -4.62 35.09 2.07
CA VAL B 8 -4.73 34.46 3.37
C VAL B 8 -3.92 33.17 3.30
N LEU B 10 -2.80 29.41 5.17
CA LEU B 10 -3.04 28.35 6.17
C LEU B 10 -1.76 27.59 6.51
N LEU B 11 -1.37 27.60 7.78
CA LEU B 11 -0.19 26.87 8.24
C LEU B 11 -0.55 25.91 9.36
N GLY B 12 0.34 24.97 9.66
CA GLY B 12 0.10 24.01 10.73
C GLY B 12 0.45 22.58 10.40
N SER B 13 0.75 21.79 11.43
CA SER B 13 1.12 20.39 11.27
C SER B 13 0.16 19.61 10.39
N GLY B 14 0.60 18.47 9.88
CA GLY B 14 -0.24 17.64 9.04
C GLY B 14 -1.39 17.08 9.84
N GLU B 15 -2.55 16.93 9.20
CA GLU B 15 -3.71 16.29 9.84
C GLU B 15 -4.44 17.20 10.80
N SER B 16 -4.00 18.46 10.89
CA SER B 16 -4.63 19.43 11.78
C SER B 16 -5.93 20.02 11.21
N GLY B 17 -6.13 19.90 9.89
CA GLY B 17 -7.39 20.31 9.30
C GLY B 17 -7.31 21.39 8.24
N LYS B 18 -6.09 21.79 7.87
CA LYS B 18 -5.87 22.84 6.88
C LYS B 18 -6.64 22.63 5.56
N SER B 19 -6.54 21.42 5.02
CA SER B 19 -7.18 21.07 3.75
C SER B 19 -8.71 21.14 3.82
N THR B 20 -9.24 20.71 4.95
CA THR B 20 -10.68 20.68 5.17
C THR B 20 -11.25 22.10 5.26
N ILE B 21 -10.51 22.98 5.94
CA ILE B 21 -10.88 24.39 6.00
C ILE B 21 -10.94 24.98 4.58
N ALA B 22 -9.91 24.71 3.77
CA ALA B 22 -9.87 25.20 2.38
C ALA B 22 -11.06 24.71 1.55
N LYS B 23 -11.31 23.41 1.52
CA LYS B 23 -12.45 22.89 0.80
C LYS B 23 -13.72 23.59 1.29
N GLN B 24 -13.81 23.74 2.61
CA GLN B 24 -14.99 24.31 3.23
C GLN B 24 -15.22 25.72 2.70
N LEU B 25 -14.16 26.51 2.67
CA LEU B 25 -14.26 27.85 2.08
C LEU B 25 -14.59 27.81 0.59
N LYS B 26 -14.06 26.83 -0.15
CA LYS B 26 -14.35 26.75 -1.58
C LYS B 26 -15.84 26.47 -1.80
N ILE B 27 -16.44 25.78 -0.85
CA ILE B 27 -17.86 25.48 -0.87
C ILE B 27 -18.71 26.69 -0.42
N LEU B 28 -18.25 27.42 0.59
CA LEU B 28 -19.00 28.55 1.13
C LEU B 28 -18.97 29.77 0.20
N PHE B 29 -17.85 30.01 -0.47
CA PHE B 29 -17.79 31.10 -1.45
C PHE B 29 -16.56 31.10 -2.34
N GLY B 30 -16.51 30.24 -3.35
CA GLY B 30 -17.62 29.36 -3.65
C GLY B 30 -17.60 28.71 -5.02
N GLY B 31 -18.72 28.07 -5.36
CA GLY B 31 -18.84 27.34 -6.60
C GLY B 31 -18.81 25.87 -6.23
N GLY B 32 -18.27 25.62 -5.04
CA GLY B 32 -18.18 24.27 -4.52
C GLY B 32 -17.48 23.34 -5.47
N PHE B 33 -17.93 22.09 -5.49
CA PHE B 33 -17.28 21.08 -6.32
C PHE B 33 -18.26 20.46 -7.30
N PRO B 34 -18.13 20.80 -8.59
CA PRO B 34 -18.92 20.18 -9.65
C PRO B 34 -18.75 18.66 -9.65
N GLU B 35 -19.83 17.95 -9.98
CA GLU B 35 -19.83 16.50 -10.10
C GLU B 35 -18.55 15.94 -10.73
N GLN B 36 -18.18 16.48 -11.89
CA GLN B 36 -16.98 16.07 -12.61
C GLN B 36 -15.74 15.95 -11.72
N GLU B 37 -15.33 17.05 -11.11
CA GLU B 37 -14.12 17.03 -10.29
C GLU B 37 -14.32 16.24 -8.99
N ARG B 38 -15.57 16.13 -8.55
CA ARG B 38 -15.89 15.33 -7.37
C ARG B 38 -15.54 13.86 -7.61
N ALA B 39 -15.70 13.41 -8.84
CA ALA B 39 -15.41 12.02 -9.18
C ALA B 39 -13.92 11.68 -9.12
N THR B 40 -13.07 12.71 -9.11
CA THR B 40 -11.63 12.54 -9.10
C THR B 40 -11.09 12.05 -7.74
N HIS B 41 -11.98 11.98 -6.76
CA HIS B 41 -11.60 11.59 -5.40
C HIS B 41 -12.12 10.20 -5.06
N LYS B 42 -12.86 9.60 -5.99
CA LYS B 42 -13.48 8.30 -5.81
C LYS B 42 -12.51 7.27 -5.22
N SER B 43 -11.34 7.12 -5.86
CA SER B 43 -10.37 6.11 -5.47
C SER B 43 -9.61 6.44 -4.18
N SER B 44 -9.34 7.72 -3.95
CA SER B 44 -8.77 8.14 -2.68
C SER B 44 -9.68 7.68 -1.54
N ILE B 45 -10.97 7.94 -1.70
CA ILE B 45 -11.97 7.59 -0.71
C ILE B 45 -12.10 6.08 -0.53
N CYS B 46 -12.22 5.36 -1.64
CA CYS B 46 -12.37 3.91 -1.62
C CYS B 46 -11.17 3.23 -0.99
N SER B 47 -9.98 3.69 -1.34
CA SER B 47 -8.75 3.14 -0.79
C SER B 47 -8.71 3.34 0.72
N ASN B 48 -9.19 4.49 1.19
CA ASN B 48 -9.18 4.79 2.63
C ASN B 48 -10.09 3.88 3.46
N VAL B 49 -11.24 3.52 2.89
CA VAL B 49 -12.17 2.58 3.53
C VAL B 49 -11.45 1.29 3.94
N VAL B 50 -10.65 0.75 3.03
CA VAL B 50 -9.98 -0.52 3.25
C VAL B 50 -8.74 -0.37 4.14
N THR B 51 -7.93 0.65 3.90
CA THR B 51 -6.67 0.84 4.63
C THR B 51 -6.89 1.30 6.07
N CYS B 52 -7.94 2.09 6.30
CA CYS B 52 -8.26 2.47 7.67
C CYS B 52 -8.67 1.24 8.45
N ARG B 54 -7.81 -2.02 7.60
CA ARG B 54 -6.61 -2.82 7.75
C ARG B 54 -5.85 -2.41 9.01
N THR B 55 -5.75 -1.11 9.24
CA THR B 55 -5.02 -0.58 10.39
C THR B 55 -5.59 -1.05 11.73
N LEU B 56 -6.90 -1.07 11.83
CA LEU B 56 -7.57 -1.54 13.03
C LEU B 56 -7.35 -3.04 13.19
N ILE B 57 -7.39 -3.77 12.08
CA ILE B 57 -7.16 -5.22 12.15
C ILE B 57 -5.76 -5.55 12.66
N GLU B 58 -4.78 -4.72 12.30
CA GLU B 58 -3.41 -4.92 12.76
C GLU B 58 -3.25 -4.58 14.22
N GLN B 59 -3.72 -3.39 14.59
CA GLN B 59 -3.57 -2.92 15.97
C GLN B 59 -4.30 -3.82 16.96
N SER B 60 -5.38 -4.48 16.51
CA SER B 60 -6.05 -5.41 17.40
C SER B 60 -5.12 -6.58 17.75
N ALA B 61 -4.38 -7.08 16.77
CA ALA B 61 -3.31 -8.03 17.05
C ALA B 61 -2.26 -7.46 18.01
N ILE B 62 -1.80 -6.24 17.70
CA ILE B 62 -0.75 -5.56 18.46
C ILE B 62 -1.17 -5.15 19.87
N LEU B 63 -2.44 -4.79 20.06
CA LEU B 63 -2.91 -4.36 21.37
C LEU B 63 -3.66 -5.47 22.12
N ASN B 64 -3.65 -6.68 21.56
CA ASN B 64 -4.33 -7.83 22.15
C ASN B 64 -5.84 -7.66 22.33
N HIS B 65 -6.56 -7.44 21.23
CA HIS B 65 -8.01 -7.42 21.30
C HIS B 65 -8.63 -8.42 20.34
N PRO B 66 -8.76 -9.69 20.78
CA PRO B 66 -9.26 -10.75 19.89
C PRO B 66 -10.50 -10.32 19.12
N LYS B 68 -13.86 -11.58 16.99
CA LYS B 68 -14.74 -12.73 16.80
C LYS B 68 -14.96 -12.96 15.31
N TYR B 69 -15.05 -11.87 14.55
CA TYR B 69 -15.35 -11.94 13.13
C TYR B 69 -14.11 -12.22 12.28
N GLN B 70 -14.26 -13.15 11.35
CA GLN B 70 -13.17 -13.53 10.49
C GLN B 70 -13.50 -13.19 9.05
N PRO B 71 -13.06 -12.01 8.59
CA PRO B 71 -13.41 -11.53 7.24
C PRO B 71 -12.83 -12.47 6.18
N LYS B 72 -13.36 -12.40 4.96
CA LYS B 72 -12.86 -13.31 3.94
C LYS B 72 -12.75 -12.70 2.54
N SER B 73 -13.17 -11.46 2.38
CA SER B 73 -12.98 -10.78 1.09
C SER B 73 -11.50 -10.72 0.69
N LYS B 74 -11.25 -10.37 -0.56
CA LYS B 74 -9.89 -10.33 -1.09
C LYS B 74 -9.11 -9.11 -0.59
N GLU B 75 -9.85 -8.09 -0.15
CA GLU B 75 -9.25 -6.83 0.29
C GLU B 75 -8.57 -6.96 1.64
N PHE B 76 -9.09 -7.85 2.48
CA PHE B 76 -8.51 -8.08 3.80
C PHE B 76 -7.77 -9.40 3.92
N THR B 77 -7.36 -9.96 2.79
CA THR B 77 -6.53 -11.16 2.81
C THR B 77 -5.17 -10.89 2.15
N THR B 78 -4.91 -9.62 1.84
CA THR B 78 -3.61 -9.18 1.29
C THR B 78 -3.26 -7.76 1.76
N GLU B 79 -2.04 -7.33 1.45
CA GLU B 79 -1.62 -5.95 1.66
C GLU B 79 -1.60 -5.17 0.34
N ASP B 80 -1.92 -5.86 -0.75
CA ASP B 80 -1.97 -5.27 -2.09
C ASP B 80 -2.85 -4.03 -2.18
N PRO B 81 -2.49 -3.10 -3.06
CA PRO B 81 -3.31 -1.90 -3.27
C PRO B 81 -4.73 -2.29 -3.71
N VAL B 82 -5.68 -1.38 -3.58
CA VAL B 82 -7.08 -1.71 -3.80
C VAL B 82 -7.53 -1.61 -5.26
N THR B 83 -7.67 -2.76 -5.92
CA THR B 83 -8.26 -2.82 -7.25
C THR B 83 -9.62 -2.16 -7.21
N LEU B 84 -9.77 -1.05 -7.92
CA LEU B 84 -10.91 -0.16 -7.70
C LEU B 84 -12.27 -0.86 -7.60
N PRO B 85 -12.77 -1.47 -8.69
CA PRO B 85 -14.06 -2.16 -8.50
C PRO B 85 -13.83 -3.41 -7.68
N PHE B 86 -14.55 -3.56 -6.56
CA PHE B 86 -14.30 -4.70 -5.69
C PHE B 86 -15.53 -5.51 -5.28
N SER B 87 -15.30 -6.76 -4.93
CA SER B 87 -16.38 -7.69 -4.61
C SER B 87 -16.70 -7.71 -3.13
N PRO B 88 -17.95 -8.09 -2.80
CA PRO B 88 -18.31 -8.39 -1.41
C PRO B 88 -17.70 -9.74 -1.02
N GLU B 89 -17.71 -10.06 0.27
CA GLU B 89 -18.28 -9.21 1.29
C GLU B 89 -17.35 -8.08 1.69
N LEU B 90 -16.97 -7.24 0.73
CA LEU B 90 -16.24 -6.03 1.08
C LEU B 90 -17.15 -5.22 1.99
N VAL B 91 -18.38 -4.98 1.52
CA VAL B 91 -19.35 -4.23 2.29
C VAL B 91 -19.80 -5.02 3.51
N GLY B 92 -19.92 -6.33 3.36
CA GLY B 92 -20.26 -7.20 4.47
C GLY B 92 -19.15 -7.17 5.50
N ASP B 93 -17.92 -7.37 5.04
CA ASP B 93 -16.74 -7.35 5.91
C ASP B 93 -16.59 -6.02 6.66
N VAL B 94 -16.63 -4.91 5.93
CA VAL B 94 -16.53 -3.59 6.56
C VAL B 94 -17.56 -3.39 7.66
N GLU B 95 -18.79 -3.82 7.39
CA GLU B 95 -19.86 -3.63 8.34
C GLU B 95 -19.82 -4.61 9.52
N ALA B 96 -19.43 -5.85 9.26
CA ALA B 96 -19.25 -6.81 10.35
C ALA B 96 -18.06 -6.44 11.20
N LEU B 97 -16.96 -6.04 10.56
CA LEU B 97 -15.74 -5.61 11.25
C LEU B 97 -15.93 -4.39 12.15
N TRP B 98 -16.59 -3.36 11.62
CA TRP B 98 -16.82 -2.14 12.39
C TRP B 98 -17.63 -2.46 13.64
N ALA B 99 -18.43 -3.53 13.56
CA ALA B 99 -19.30 -3.93 14.66
C ALA B 99 -18.63 -4.90 15.63
N ASP B 100 -17.48 -5.44 15.23
CA ASP B 100 -16.75 -6.41 16.05
C ASP B 100 -16.27 -5.79 17.36
N GLU B 101 -16.35 -6.54 18.45
CA GLU B 101 -15.95 -6.05 19.76
C GLU B 101 -14.47 -5.74 19.78
N GLY B 102 -13.67 -6.64 19.21
CA GLY B 102 -12.23 -6.45 19.17
C GLY B 102 -11.80 -5.20 18.39
N ILE B 103 -12.50 -4.94 17.30
CA ILE B 103 -12.19 -3.80 16.45
C ILE B 103 -12.57 -2.51 17.16
N GLN B 104 -13.67 -2.53 17.91
CA GLN B 104 -14.06 -1.36 18.67
C GLN B 104 -13.12 -1.08 19.88
N ALA B 105 -12.61 -2.13 20.52
CA ALA B 105 -11.71 -1.94 21.64
C ALA B 105 -10.43 -1.26 21.18
N THR B 106 -10.07 -1.56 19.94
CA THR B 106 -8.84 -1.08 19.33
C THR B 106 -9.01 0.39 18.94
N TYR B 107 -10.16 0.70 18.34
CA TYR B 107 -10.52 2.08 17.97
C TYR B 107 -10.42 3.00 19.17
N GLU B 108 -10.90 2.52 20.30
CA GLU B 108 -10.90 3.32 21.52
C GLU B 108 -9.47 3.60 22.00
N GLU B 109 -8.49 2.90 21.43
CA GLU B 109 -7.09 3.19 21.74
C GLU B 109 -6.35 3.82 20.57
N SER B 110 -7.10 4.45 19.65
CA SER B 110 -6.56 5.04 18.41
C SER B 110 -5.43 6.07 18.60
N ALA B 111 -5.24 6.52 19.83
CA ALA B 111 -3.98 7.10 20.21
C ALA B 111 -3.42 6.13 21.22
N LYS B 112 -2.24 5.60 20.94
CA LYS B 112 -1.49 6.05 19.80
C LYS B 112 -1.16 4.92 18.83
N PHE B 113 -1.85 4.97 17.71
CA PHE B 113 -1.35 4.52 16.44
C PHE B 113 -1.90 5.57 15.50
N GLN B 114 -1.54 5.53 14.22
CA GLN B 114 -2.01 6.56 13.32
C GLN B 114 -3.31 6.13 12.66
N LEU B 115 -4.40 6.82 12.97
CA LEU B 115 -5.65 6.54 12.30
C LEU B 115 -6.35 7.83 11.92
N PRO B 116 -6.55 8.06 10.61
CA PRO B 116 -7.29 9.23 10.14
C PRO B 116 -8.65 9.39 10.85
N ASP B 117 -9.07 10.65 11.03
CA ASP B 117 -10.35 10.97 11.65
C ASP B 117 -11.52 10.72 10.69
N CYS B 118 -11.23 10.09 9.56
CA CYS B 118 -12.24 9.82 8.54
C CYS B 118 -12.77 8.39 8.63
N ALA B 119 -12.10 7.57 9.45
CA ALA B 119 -12.44 6.15 9.56
C ALA B 119 -13.92 5.88 9.78
N LYS B 120 -14.45 6.37 10.91
CA LYS B 120 -15.84 6.09 11.29
C LYS B 120 -16.80 6.49 10.19
N TYR B 121 -16.72 7.75 9.76
CA TYR B 121 -17.54 8.23 8.67
C TYR B 121 -17.46 7.31 7.45
N LEU B 122 -16.26 6.98 7.01
CA LEU B 122 -16.11 6.05 5.90
C LEU B 122 -16.76 4.69 6.16
N PHE B 123 -16.53 4.11 7.33
CA PHE B 123 -17.12 2.82 7.64
C PHE B 123 -18.64 2.87 7.55
N GLU B 124 -19.22 3.99 7.95
CA GLU B 124 -20.67 4.12 8.02
C GLU B 124 -21.36 4.44 6.69
N ASN B 125 -20.57 4.82 5.68
CA ASN B 125 -21.10 5.09 4.35
C ASN B 125 -20.60 4.12 3.31
N VAL B 126 -20.01 3.02 3.76
CA VAL B 126 -19.34 2.09 2.86
C VAL B 126 -20.35 1.50 1.86
N LYS B 127 -21.57 1.31 2.33
CA LYS B 127 -22.72 0.90 1.50
C LYS B 127 -22.88 1.74 0.23
N ARG B 128 -22.80 3.07 0.38
CA ARG B 128 -23.00 3.99 -0.75
C ARG B 128 -21.69 4.30 -1.49
N ILE B 129 -20.56 4.10 -0.82
CA ILE B 129 -19.25 4.26 -1.44
C ILE B 129 -18.93 3.02 -2.30
N ALA B 130 -19.54 1.90 -1.96
CA ALA B 130 -19.29 0.65 -2.66
C ALA B 130 -19.96 0.51 -4.04
N GLU B 132 -21.47 0.61 -7.87
CA GLU B 132 -20.78 0.58 -9.15
C GLU B 132 -20.63 1.99 -9.71
N ASP B 133 -21.69 2.78 -9.61
CA ASP B 133 -21.67 4.10 -10.18
C ASP B 133 -21.74 5.17 -9.08
N TYR B 134 -20.88 5.02 -8.07
CA TYR B 134 -20.83 5.94 -6.94
C TYR B 134 -20.23 7.31 -7.29
N VAL B 135 -20.89 8.37 -6.85
CA VAL B 135 -20.35 9.71 -7.02
C VAL B 135 -20.25 10.46 -5.69
N PRO B 136 -19.01 10.76 -5.27
CA PRO B 136 -18.72 11.46 -4.01
C PRO B 136 -19.44 12.80 -3.90
N THR B 137 -20.11 13.00 -2.78
CA THR B 137 -20.76 14.26 -2.44
C THR B 137 -19.74 15.26 -1.90
N GLU B 138 -20.23 16.43 -1.52
CA GLU B 138 -19.34 17.42 -0.93
C GLU B 138 -19.06 17.08 0.54
N GLU B 139 -19.96 16.31 1.16
CA GLU B 139 -19.77 15.90 2.54
C GLU B 139 -18.76 14.76 2.67
N ASP B 140 -18.78 13.81 1.72
CA ASP B 140 -17.59 13.02 1.49
C ASP B 140 -16.64 14.12 1.08
N LEU B 141 -15.36 13.85 0.95
CA LEU B 141 -14.46 14.91 0.49
C LEU B 141 -14.04 15.87 1.62
N ILE B 142 -15.02 16.37 2.39
CA ILE B 142 -14.74 17.18 3.57
C ILE B 142 -14.19 16.25 4.63
N HIS B 143 -14.83 15.09 4.78
CA HIS B 143 -14.44 14.09 5.77
C HIS B 143 -13.26 13.22 5.33
N ASN B 144 -13.00 13.15 4.04
CA ASN B 144 -11.97 12.25 3.55
C ASN B 144 -10.54 12.76 3.76
N ARG B 145 -9.66 11.87 4.19
CA ARG B 145 -8.28 12.27 4.43
C ARG B 145 -7.44 12.14 3.19
N THR B 146 -6.97 13.29 2.69
CA THR B 146 -6.16 13.32 1.49
C THR B 146 -4.71 13.57 1.85
N LYS B 147 -3.82 13.20 0.96
CA LYS B 147 -2.39 13.35 1.21
C LYS B 147 -1.90 14.70 0.67
N THR B 148 -2.19 15.78 1.40
CA THR B 148 -1.79 17.11 0.94
C THR B 148 -0.40 17.53 1.42
N THR B 149 0.49 17.77 0.47
CA THR B 149 1.74 18.43 0.77
C THR B 149 2.00 19.46 -0.30
N GLY B 150 3.05 20.23 -0.11
CA GLY B 150 3.39 21.31 -1.01
C GLY B 150 2.47 22.49 -0.80
N ILE B 151 2.54 23.47 -1.70
CA ILE B 151 1.65 24.61 -1.65
C ILE B 151 0.43 24.41 -2.55
N HIS B 152 -0.76 24.62 -1.97
CA HIS B 152 -2.01 24.51 -2.72
C HIS B 152 -2.75 25.87 -2.68
N GLU B 153 -3.40 26.23 -3.79
CA GLU B 153 -3.98 27.57 -3.92
C GLU B 153 -5.47 27.55 -4.33
N TYR B 154 -6.27 28.42 -3.71
CA TYR B 154 -7.71 28.49 -3.97
C TYR B 154 -8.09 29.94 -4.19
N ASP B 155 -8.99 30.18 -5.13
CA ASP B 155 -9.45 31.55 -5.35
C ASP B 155 -10.94 31.66 -5.12
N PHE B 156 -11.35 32.71 -4.40
CA PHE B 156 -12.75 32.85 -4.02
C PHE B 156 -13.15 34.28 -3.64
N VAL B 157 -14.46 34.54 -3.65
CA VAL B 157 -15.00 35.87 -3.46
C VAL B 157 -15.92 35.89 -2.24
N VAL B 158 -15.67 36.81 -1.32
CA VAL B 158 -16.54 37.00 -0.15
C VAL B 158 -17.09 38.42 -0.16
N LYS B 159 -18.41 38.57 -0.28
CA LYS B 159 -19.03 39.90 -0.33
C LYS B 159 -18.41 40.78 -1.42
N ASP B 160 -18.18 40.20 -2.60
CA ASP B 160 -17.61 40.92 -3.74
C ASP B 160 -16.16 41.37 -3.52
N ILE B 161 -15.46 40.67 -2.63
CA ILE B 161 -14.03 40.90 -2.42
C ILE B 161 -13.25 39.64 -2.76
N PRO B 162 -12.29 39.76 -3.68
CA PRO B 162 -11.47 38.63 -4.17
C PRO B 162 -10.47 38.18 -3.12
N PHE B 163 -10.55 36.92 -2.71
CA PHE B 163 -9.55 36.31 -1.84
C PHE B 163 -8.69 35.28 -2.57
N HIS B 164 -7.41 35.26 -2.21
CA HIS B 164 -6.52 34.19 -2.61
C HIS B 164 -6.06 33.43 -1.35
N LEU B 165 -6.39 32.15 -1.29
CA LEU B 165 -6.09 31.32 -0.13
C LEU B 165 -4.87 30.37 -0.41
N ILE B 166 -3.80 30.57 0.35
CA ILE B 166 -2.58 29.78 0.24
C ILE B 166 -2.44 28.77 1.39
N ASP B 167 -2.51 27.49 1.05
CA ASP B 167 -2.45 26.42 2.02
C ASP B 167 -1.07 25.74 2.00
N VAL B 168 -0.37 25.81 3.11
CA VAL B 168 1.01 25.34 3.12
C VAL B 168 1.22 24.13 4.02
N GLY B 169 1.53 23.00 3.41
CA GLY B 169 1.89 21.80 4.16
C GLY B 169 3.15 21.12 3.63
N VAL B 179 10.12 28.77 1.18
CA VAL B 179 8.80 29.39 1.28
C VAL B 179 8.83 30.63 2.18
N SER B 180 9.05 31.79 1.58
CA SER B 180 9.10 33.04 2.35
C SER B 180 8.67 34.24 1.52
N PHE B 181 7.89 33.98 0.48
CA PHE B 181 7.29 35.05 -0.29
C PHE B 181 6.16 35.66 0.52
N PHE B 182 6.20 35.48 1.84
CA PHE B 182 5.05 35.86 2.65
C PHE B 182 5.15 37.14 3.49
N SER B 183 5.72 38.19 2.89
CA SER B 183 5.43 39.55 3.35
C SER B 183 4.27 40.05 2.49
N ASP B 184 3.81 39.17 1.60
CA ASP B 184 2.68 39.43 0.72
C ASP B 184 1.38 39.02 1.40
N VAL B 185 1.50 38.34 2.53
CA VAL B 185 0.31 37.80 3.20
C VAL B 185 -0.39 38.89 4.00
N ASP B 186 -1.71 38.97 3.84
CA ASP B 186 -2.53 39.89 4.63
C ASP B 186 -2.98 39.20 5.93
N CYS B 187 -3.10 37.87 5.89
CA CYS B 187 -3.59 37.09 7.00
C CYS B 187 -3.01 35.66 7.07
N ALA B 188 -2.38 35.35 8.19
CA ALA B 188 -1.88 34.00 8.43
C ALA B 188 -2.71 33.31 9.51
N ILE B 189 -3.30 32.17 9.17
CA ILE B 189 -4.10 31.38 10.09
C ILE B 189 -3.37 30.09 10.44
N PHE B 190 -3.04 29.92 11.72
CA PHE B 190 -2.42 28.68 12.18
C PHE B 190 -3.49 27.72 12.63
N VAL B 191 -3.48 26.52 12.05
CA VAL B 191 -4.47 25.50 12.36
C VAL B 191 -3.86 24.46 13.28
N THR B 192 -4.48 24.20 14.43
CA THR B 192 -4.00 23.14 15.30
C THR B 192 -5.18 22.31 15.78
N SER B 193 -4.96 21.00 15.88
CA SER B 193 -5.97 20.07 16.33
C SER B 193 -5.99 20.02 17.86
N LEU B 194 -7.06 20.52 18.49
CA LEU B 194 -7.22 20.33 19.93
C LEU B 194 -7.19 18.86 20.39
N ALA B 195 -7.55 17.95 19.48
CA ALA B 195 -7.68 16.53 19.84
C ALA B 195 -6.36 15.75 19.94
N GLU B 196 -5.22 16.43 19.94
CA GLU B 196 -3.93 15.74 20.03
C GLU B 196 -3.32 15.82 21.42
N TYR B 197 -4.06 16.36 22.37
CA TYR B 197 -3.52 16.63 23.71
C TYR B 197 -2.96 15.43 24.44
N ASP B 198 -3.30 14.21 24.00
CA ASP B 198 -2.83 13.03 24.70
C ASP B 198 -1.92 12.12 23.85
N LYS B 200 1.49 11.04 21.80
CA LYS B 200 2.93 11.23 21.63
C LYS B 200 3.29 10.98 20.17
N THR B 207 7.70 14.88 23.19
CA THR B 207 6.85 13.77 23.64
C THR B 207 5.37 14.17 23.75
N SER B 208 4.95 15.08 22.89
CA SER B 208 3.54 15.39 22.71
C SER B 208 3.35 15.96 21.32
N ARG B 209 2.35 15.49 20.60
CA ARG B 209 2.06 16.08 19.30
C ARG B 209 1.64 17.56 19.46
N LEU B 210 0.88 17.85 20.52
CA LEU B 210 0.54 19.22 20.84
C LEU B 210 1.78 20.09 21.11
N THR B 211 2.66 19.67 22.01
CA THR B 211 3.86 20.46 22.28
C THR B 211 4.67 20.69 20.99
N GLU B 212 4.62 19.75 20.06
CA GLU B 212 5.36 19.91 18.82
C GLU B 212 4.69 20.97 17.94
N SER B 213 3.39 21.12 18.08
CA SER B 213 2.65 22.08 17.27
C SER B 213 2.85 23.51 17.78
N ILE B 214 3.06 23.63 19.09
CA ILE B 214 3.48 24.89 19.70
C ILE B 214 4.86 25.33 19.23
N ALA B 215 5.80 24.39 19.16
CA ALA B 215 7.12 24.69 18.59
C ALA B 215 6.99 25.30 17.19
N VAL B 216 6.23 24.65 16.32
CA VAL B 216 6.04 25.14 14.96
C VAL B 216 5.43 26.54 14.99
N PHE B 217 4.28 26.68 15.64
CA PHE B 217 3.68 27.99 15.81
C PHE B 217 4.70 29.03 16.27
N LYS B 218 5.43 28.70 17.31
CA LYS B 218 6.35 29.68 17.87
C LYS B 218 7.43 30.12 16.88
N ASP B 219 8.05 29.18 16.20
CA ASP B 219 9.12 29.57 15.29
C ASP B 219 8.62 29.69 13.87
N ILE B 220 7.43 30.27 13.73
CA ILE B 220 6.86 30.53 12.42
C ILE B 220 5.93 31.74 12.50
N THR B 222 5.96 33.92 14.47
CA THR B 222 6.67 35.03 15.11
C THR B 222 7.61 35.64 14.08
N ASN B 223 7.71 34.98 12.95
CA ASN B 223 8.52 35.43 11.81
C ASN B 223 8.27 36.88 11.39
N GLU B 224 9.36 37.58 11.04
CA GLU B 224 9.27 38.99 10.70
C GLU B 224 8.44 39.27 9.46
N PHE B 225 8.42 38.33 8.52
CA PHE B 225 7.63 38.49 7.29
C PHE B 225 6.13 38.61 7.58
N LEU B 226 5.72 38.27 8.80
CA LEU B 226 4.30 38.23 9.18
C LEU B 226 3.86 39.28 10.19
N LYS B 227 4.80 40.04 10.75
CA LYS B 227 4.43 41.17 11.60
C LYS B 227 3.75 42.22 10.72
N GLY B 228 2.47 42.46 10.94
CA GLY B 228 1.74 43.34 10.04
C GLY B 228 0.55 42.64 9.41
N ALA B 229 0.65 41.32 9.27
CA ALA B 229 -0.47 40.52 8.85
C ALA B 229 -1.38 40.30 10.06
N VAL B 230 -2.67 40.14 9.83
CA VAL B 230 -3.52 39.66 10.90
C VAL B 230 -3.06 38.24 11.20
N LYS B 231 -2.79 37.93 12.46
CA LYS B 231 -2.40 36.58 12.87
C LYS B 231 -3.49 35.95 13.71
N LEU B 232 -3.92 34.73 13.35
CA LEU B 232 -4.88 34.02 14.19
C LEU B 232 -4.66 32.49 14.31
N ILE B 233 -5.39 31.88 15.25
CA ILE B 233 -5.30 30.46 15.48
C ILE B 233 -6.66 29.82 15.49
N PHE B 234 -6.89 28.87 14.60
CA PHE B 234 -8.08 28.05 14.70
C PHE B 234 -7.71 26.87 15.54
N LEU B 235 -8.36 26.78 16.69
CA LEU B 235 -8.20 25.61 17.52
C LEU B 235 -9.23 24.59 17.01
N ASN B 236 -8.77 23.70 16.15
CA ASN B 236 -9.66 22.89 15.34
C ASN B 236 -9.97 21.54 15.99
N LYS B 237 -10.96 20.85 15.43
CA LYS B 237 -11.44 19.56 15.95
C LYS B 237 -12.00 19.67 17.37
N ASP B 239 -14.99 19.46 18.17
CA ASP B 239 -15.98 18.39 18.35
C ASP B 239 -15.32 17.10 18.83
N LEU B 240 -14.26 16.68 18.15
CA LEU B 240 -13.45 15.52 18.58
C LEU B 240 -12.87 15.73 19.98
N PHE B 241 -12.41 16.95 20.24
CA PHE B 241 -11.86 17.33 21.55
C PHE B 241 -12.91 17.30 22.69
N GLU B 242 -14.15 17.67 22.40
CA GLU B 242 -15.23 17.56 23.39
C GLU B 242 -15.45 16.13 23.83
N GLU B 243 -15.59 15.22 22.87
CA GLU B 243 -15.89 13.83 23.18
C GLU B 243 -14.71 13.13 23.87
N LYS B 244 -13.52 13.63 23.60
CA LYS B 244 -12.30 13.01 24.10
C LYS B 244 -12.12 13.28 25.59
N LEU B 245 -12.50 14.49 26.03
CA LEU B 245 -12.38 14.91 27.43
C LEU B 245 -13.18 13.99 28.37
N THR B 246 -14.28 13.48 27.87
CA THR B 246 -15.11 12.56 28.63
C THR B 246 -14.31 11.30 29.01
N LYS B 247 -13.52 10.79 28.07
CA LYS B 247 -12.73 9.57 28.29
C LYS B 247 -11.31 9.83 28.83
N VAL B 248 -10.80 11.04 28.62
CA VAL B 248 -9.48 11.42 29.12
C VAL B 248 -9.46 12.88 29.58
N PRO B 249 -9.94 13.14 30.80
CA PRO B 249 -9.93 14.51 31.32
C PRO B 249 -8.56 15.16 31.16
N LEU B 250 -8.53 16.49 31.15
CA LEU B 250 -7.33 17.23 30.77
C LEU B 250 -6.20 17.21 31.81
N ASN B 251 -6.56 17.26 33.09
CA ASN B 251 -5.58 17.23 34.17
C ASN B 251 -4.88 15.89 34.26
N THR B 252 -5.45 14.92 33.54
CA THR B 252 -4.82 13.61 33.33
C THR B 252 -3.54 13.79 32.54
N ILE B 253 -3.52 14.81 31.67
CA ILE B 253 -2.37 15.13 30.85
C ILE B 253 -1.61 16.30 31.46
N PHE B 254 -2.35 17.35 31.80
CA PHE B 254 -1.78 18.55 32.41
C PHE B 254 -2.21 18.64 33.86
N PRO B 255 -1.44 18.02 34.75
CA PRO B 255 -1.79 17.79 36.15
C PRO B 255 -2.21 19.07 36.86
N GLU B 256 -1.80 20.23 36.33
CA GLU B 256 -2.04 21.52 36.98
C GLU B 256 -3.27 22.25 36.42
N TYR B 257 -3.94 21.65 35.44
CA TYR B 257 -5.21 22.19 34.96
C TYR B 257 -6.29 21.97 36.01
N THR B 258 -7.03 23.04 36.33
CA THR B 258 -8.07 22.94 37.36
C THR B 258 -9.35 22.29 36.83
N GLY B 259 -10.24 23.09 36.25
CA GLY B 259 -11.49 22.53 35.78
C GLY B 259 -12.26 23.44 34.85
N GLY B 260 -12.99 22.84 33.92
CA GLY B 260 -13.04 21.39 33.77
C GLY B 260 -14.30 20.80 34.38
N ASP B 261 -14.83 19.76 33.75
CA ASP B 261 -14.27 19.21 32.52
C ASP B 261 -14.84 19.91 31.31
N ASN B 262 -15.07 21.20 31.43
CA ASN B 262 -15.65 22.01 30.36
C ASN B 262 -14.72 22.11 29.14
N ALA B 263 -15.25 21.90 27.95
CA ALA B 263 -14.41 21.93 26.76
C ALA B 263 -13.94 23.36 26.41
N VAL B 264 -14.70 24.35 26.83
CA VAL B 264 -14.35 25.74 26.56
C VAL B 264 -13.19 26.17 27.46
N GLY B 266 -11.13 24.05 29.04
CA GLY B 266 -10.05 23.23 28.54
C GLY B 266 -9.36 23.82 27.31
N ALA B 267 -10.13 24.24 26.31
CA ALA B 267 -9.53 24.82 25.10
C ALA B 267 -8.89 26.16 25.42
N GLN B 268 -9.43 26.84 26.42
CA GLN B 268 -8.83 28.10 26.83
C GLN B 268 -7.42 27.85 27.39
N TYR B 269 -7.27 26.76 28.13
CA TYR B 269 -5.97 26.42 28.70
C TYR B 269 -4.94 26.03 27.61
N ILE B 270 -5.34 25.15 26.71
CA ILE B 270 -4.45 24.77 25.63
C ILE B 270 -4.02 25.99 24.82
N GLN B 271 -4.99 26.86 24.53
CA GLN B 271 -4.70 28.11 23.84
C GLN B 271 -3.66 28.98 24.56
N GLN B 272 -3.67 28.98 25.89
CA GLN B 272 -2.66 29.74 26.63
C GLN B 272 -1.23 29.24 26.35
N LEU B 273 -1.11 27.94 26.08
CA LEU B 273 0.19 27.30 25.85
C LEU B 273 0.87 27.74 24.56
N PHE B 274 0.09 28.33 23.66
CA PHE B 274 0.64 28.88 22.43
C PHE B 274 1.00 30.35 22.63
N THR B 275 0.08 31.06 23.28
CA THR B 275 0.09 32.52 23.24
C THR B 275 0.50 33.19 24.54
N GLY B 276 1.24 32.47 25.37
CA GLY B 276 2.03 33.14 26.38
C GLY B 276 3.34 33.28 25.65
N LYS B 277 3.96 34.47 25.68
CA LYS B 277 3.43 35.67 26.33
C LYS B 277 2.85 36.63 25.27
N LEU B 278 2.45 36.09 24.12
CA LEU B 278 1.90 36.89 23.02
C LEU B 278 0.48 37.37 23.27
N GLN B 279 0.28 38.69 23.29
CA GLN B 279 -1.05 39.28 23.52
C GLN B 279 -2.13 38.63 22.65
N THR B 280 -3.16 38.11 23.31
CA THR B 280 -4.21 37.32 22.65
C THR B 280 -5.59 38.00 22.69
N GLU B 281 -6.44 37.62 21.76
CA GLU B 281 -7.81 38.07 21.74
C GLU B 281 -8.76 36.93 21.41
N GLU B 282 -9.14 36.14 22.42
CA GLU B 282 -10.17 35.12 22.23
C GLU B 282 -11.43 35.74 21.63
N GLY B 296 -7.87 48.94 18.67
CA GLY B 296 -6.65 49.62 18.29
C GLY B 296 -5.89 48.88 17.22
N ALA B 297 -4.58 48.74 17.40
CA ALA B 297 -3.75 47.99 16.45
C ALA B 297 -4.25 46.56 16.41
N VAL B 298 -4.51 46.08 15.19
CA VAL B 298 -5.25 44.82 15.00
C VAL B 298 -4.31 43.65 14.71
N ASN B 299 -3.08 43.98 14.37
CA ASN B 299 -2.08 43.02 13.92
C ASN B 299 -1.02 42.73 14.97
N GLU B 300 -1.22 43.22 16.18
CA GLU B 300 -0.27 42.97 17.25
C GLU B 300 -0.80 41.82 18.10
N LYS B 301 -2.12 41.66 18.05
CA LYS B 301 -2.79 40.56 18.73
C LYS B 301 -2.71 39.28 17.91
N VAL B 302 -2.80 38.14 18.58
CA VAL B 302 -3.10 36.90 17.88
C VAL B 302 -4.48 36.46 18.32
N TYR B 303 -5.47 36.65 17.44
CA TYR B 303 -6.85 36.29 17.75
C TYR B 303 -7.04 34.77 17.71
N THR B 304 -7.69 34.21 18.72
CA THR B 304 -7.89 32.77 18.74
C THR B 304 -9.37 32.41 18.74
N ASN B 305 -9.66 31.22 18.22
CA ASN B 305 -11.03 30.72 18.18
C ASN B 305 -11.13 29.19 17.91
N PRO B 306 -11.93 28.47 18.71
CA PRO B 306 -12.16 27.05 18.44
C PRO B 306 -12.89 26.86 17.12
N THR B 307 -12.85 25.64 16.61
CA THR B 307 -13.28 25.41 15.24
C THR B 307 -13.66 23.94 15.03
N ASN B 308 -14.60 23.72 14.14
CA ASN B 308 -14.94 22.38 13.65
C ASN B 308 -15.08 22.48 12.13
N ALA B 309 -13.99 22.15 11.44
CA ALA B 309 -13.88 22.42 10.03
C ALA B 309 -14.81 21.56 9.17
N THR B 310 -15.51 20.62 9.80
CA THR B 310 -16.48 19.79 9.05
C THR B 310 -17.88 20.41 9.06
N ASP B 311 -18.11 21.29 10.04
CA ASP B 311 -19.32 22.09 10.13
C ASP B 311 -19.21 23.36 9.28
N GLY B 312 -19.95 23.37 8.19
CA GLY B 312 -19.88 24.45 7.21
C GLY B 312 -20.34 25.80 7.72
N SER B 313 -21.24 25.82 8.68
CA SER B 313 -21.75 27.09 9.19
C SER B 313 -20.80 27.71 10.21
N ASN B 314 -20.03 26.86 10.90
CA ASN B 314 -19.02 27.34 11.84
C ASN B 314 -17.83 28.01 11.13
N ILE B 315 -17.33 27.40 10.06
CA ILE B 315 -16.28 28.03 9.29
C ILE B 315 -16.73 29.39 8.72
N LYS B 316 -17.97 29.47 8.25
CA LYS B 316 -18.51 30.73 7.73
C LYS B 316 -18.46 31.80 8.82
N ARG B 317 -19.00 31.48 9.99
CA ARG B 317 -19.09 32.46 11.06
C ARG B 317 -17.72 33.02 11.38
N VAL B 318 -16.85 32.13 11.83
CA VAL B 318 -15.49 32.46 12.22
C VAL B 318 -14.67 33.09 11.09
N PHE B 319 -14.93 32.70 9.86
CA PHE B 319 -14.15 33.31 8.81
C PHE B 319 -14.63 34.73 8.62
N LEU B 321 -15.72 36.73 10.89
CA LEU B 321 -15.04 37.56 11.89
C LEU B 321 -13.65 37.92 11.41
N ALA B 322 -12.97 36.94 10.82
CA ALA B 322 -11.60 37.19 10.36
C ALA B 322 -11.59 38.31 9.34
N VAL B 323 -12.51 38.26 8.37
CA VAL B 323 -12.58 39.27 7.32
C VAL B 323 -12.67 40.66 7.91
N ASP B 324 -13.58 40.84 8.86
CA ASP B 324 -13.73 42.12 9.55
C ASP B 324 -12.40 42.66 10.05
N VAL B 325 -11.68 41.84 10.83
CA VAL B 325 -10.35 42.22 11.32
C VAL B 325 -9.40 42.57 10.16
N ILE B 326 -9.33 41.71 9.14
CA ILE B 326 -8.49 41.99 7.99
C ILE B 326 -8.79 43.36 7.39
N LYS B 328 -10.15 45.96 8.67
CA LYS B 328 -9.70 47.03 9.55
C LYS B 328 -8.19 47.21 9.45
N ASN B 329 -7.47 46.09 9.36
CA ASN B 329 -6.02 46.13 9.28
C ASN B 329 -5.48 46.76 8.00
N ALA B 331 -7.12 48.91 6.08
CA ALA B 331 -7.51 50.30 6.07
C ALA B 331 -6.47 51.08 6.84
N ALA B 332 -5.96 50.46 7.91
CA ALA B 332 -4.94 51.07 8.74
C ALA B 332 -3.54 51.00 8.09
N ASN B 333 -3.44 50.43 6.88
CA ASN B 333 -2.25 50.59 6.02
C ASN B 333 -2.55 51.15 4.62
N GLY B 334 -2.73 50.25 3.64
CA GLY B 334 -2.90 50.64 2.25
C GLY B 334 -3.90 49.77 1.48
N LYS B 335 -4.85 50.44 0.82
CA LYS B 335 -5.98 49.80 0.14
C LYS B 335 -6.45 48.53 0.82
#